data_6MT5
#
_entry.id   6MT5
#
_cell.length_a   50.861
_cell.length_b   82.040
_cell.length_c   110.202
_cell.angle_alpha   90.00
_cell.angle_beta   90.00
_cell.angle_gamma   90.00
#
_symmetry.space_group_name_H-M   'P 21 21 21'
#
loop_
_entity.id
_entity.type
_entity.pdbx_description
1 polymer 'HLA class I histocompatibility antigen, B-37 alpha chain'
2 polymer Beta-2-microglobulin
3 polymer 'NP338-V6L peptide'
4 water water
#
loop_
_entity_poly.entity_id
_entity_poly.type
_entity_poly.pdbx_seq_one_letter_code
_entity_poly.pdbx_strand_id
1 'polypeptide(L)'
;GSHSMRYFHTSVSRPGRGEPRFISVGYVDDTQFVRFDSDAASPRTEPRAPWIEQEGPEYWDRETQISKTNTQTYREDLRT
LLRYYNQSEAGSHTIQRMSGCDVGPDGRLLRGYNQFAYDGKDYIALNEDLSSWTAADTAAQITQRKWEAARVAEQDRAYL
EGTCVEWLRRYLENGKETLQRADPPKTHVTHHPISDHEATLRCWALGFYPAEITLTWQRDGEDQTQDTELVETRPAGDRT
FQKWAAVVVPSGEEQRYTCHVQHEGLPKPLTLRWEP
;
A
2 'polypeptide(L)'
;MIQRTPKIQVYSRHPAENGKSNFLNCYVSGFHPSDIEVDLLKNGERIEKVEHSDLSFSKDWSFYLLYYTEFTPTEKDEYA
CRVNHVTLSQPKIVKWDRDM
;
B
3 'polypeptide(L)' FEDLRLLSF C
#
# COMPACT_ATOMS: atom_id res chain seq x y z
N GLY A 1 -12.73 -15.55 -6.52
CA GLY A 1 -13.41 -15.21 -5.29
C GLY A 1 -13.95 -13.80 -5.28
N SER A 2 -13.80 -13.13 -4.14
CA SER A 2 -14.25 -11.74 -3.97
C SER A 2 -13.15 -10.77 -4.41
N HIS A 3 -13.56 -9.57 -4.82
CA HIS A 3 -12.61 -8.60 -5.36
C HIS A 3 -12.93 -7.18 -4.94
N SER A 4 -11.94 -6.31 -5.04
CA SER A 4 -12.11 -4.91 -4.68
C SER A 4 -11.58 -3.99 -5.77
N MET A 5 -12.19 -2.81 -5.89
CA MET A 5 -11.57 -1.71 -6.62
C MET A 5 -11.41 -0.54 -5.65
N ARG A 6 -10.25 0.10 -5.70
CA ARG A 6 -9.96 1.23 -4.82
C ARG A 6 -9.24 2.32 -5.55
N TYR A 7 -9.66 3.55 -5.31
CA TYR A 7 -8.90 4.73 -5.72
C TYR A 7 -8.40 5.45 -4.50
N PHE A 8 -7.11 5.75 -4.51
CA PHE A 8 -6.45 6.43 -3.40
C PHE A 8 -5.98 7.81 -3.84
N HIS A 9 -6.54 8.84 -3.22
CA HIS A 9 -6.20 10.23 -3.51
C HIS A 9 -5.35 10.80 -2.41
N THR A 10 -4.27 11.48 -2.78
CA THR A 10 -3.44 12.22 -1.83
C THR A 10 -3.19 13.63 -2.35
N SER A 11 -3.56 14.64 -1.56
CA SER A 11 -3.25 16.03 -1.87
C SER A 11 -2.49 16.66 -0.72
N VAL A 12 -1.37 17.30 -1.03
CA VAL A 12 -0.46 17.81 -0.01
C VAL A 12 -0.11 19.27 -0.27
N SER A 13 -0.37 20.14 0.70
CA SER A 13 0.00 21.55 0.52
C SER A 13 1.48 21.75 0.85
N ARG A 14 2.07 22.78 0.24
CA ARG A 14 3.49 23.08 0.39
C ARG A 14 3.68 24.59 0.32
N PRO A 15 3.26 25.30 1.36
CA PRO A 15 3.32 26.77 1.33
C PRO A 15 4.70 27.29 0.94
N GLY A 16 4.73 28.20 -0.02
CA GLY A 16 5.97 28.82 -0.46
C GLY A 16 6.62 28.06 -1.59
N ARG A 17 6.03 26.91 -1.93
CA ARG A 17 6.59 26.02 -2.94
C ARG A 17 5.53 25.61 -3.96
N GLY A 18 4.69 26.56 -4.33
CA GLY A 18 3.64 26.33 -5.32
C GLY A 18 2.36 25.76 -4.72
N GLU A 19 1.53 25.22 -5.60
CA GLU A 19 0.20 24.74 -5.24
C GLU A 19 0.23 23.26 -4.84
N PRO A 20 -0.79 22.81 -4.08
CA PRO A 20 -0.75 21.43 -3.59
C PRO A 20 -0.73 20.35 -4.69
N ARG A 21 0.20 19.42 -4.56
CA ARG A 21 0.30 18.31 -5.50
C ARG A 21 -0.87 17.34 -5.30
N PHE A 22 -1.41 16.85 -6.41
CA PHE A 22 -2.46 15.82 -6.36
C PHE A 22 -2.02 14.54 -7.03
N ILE A 23 -2.22 13.43 -6.35
CA ILE A 23 -1.94 12.09 -6.86
CA ILE A 23 -1.99 12.14 -6.97
C ILE A 23 -3.19 11.22 -6.76
N SER A 24 -3.55 10.55 -7.83
CA SER A 24 -4.61 9.55 -7.77
C SER A 24 -4.08 8.25 -8.31
N VAL A 25 -4.22 7.17 -7.54
CA VAL A 25 -3.87 5.85 -8.04
C VAL A 25 -5.04 4.90 -7.87
N GLY A 26 -5.20 4.00 -8.83
CA GLY A 26 -6.29 3.04 -8.81
C GLY A 26 -5.78 1.61 -8.72
N TYR A 27 -6.49 0.80 -7.92
CA TYR A 27 -6.16 -0.61 -7.71
C TYR A 27 -7.35 -1.50 -7.96
N VAL A 28 -7.10 -2.68 -8.51
CA VAL A 28 -8.01 -3.80 -8.38
C VAL A 28 -7.29 -4.82 -7.49
N ASP A 29 -7.92 -5.18 -6.37
CA ASP A 29 -7.25 -6.03 -5.37
C ASP A 29 -5.88 -5.44 -5.06
N ASP A 30 -4.80 -6.22 -5.20
CA ASP A 30 -3.47 -5.70 -4.89
C ASP A 30 -2.69 -5.31 -6.14
N THR A 31 -3.41 -5.02 -7.22
CA THR A 31 -2.78 -4.65 -8.49
C THR A 31 -3.10 -3.21 -8.87
N GLN A 32 -2.09 -2.36 -8.89
CA GLN A 32 -2.30 -0.98 -9.34
C GLN A 32 -2.49 -0.97 -10.86
N PHE A 33 -3.39 -0.14 -11.38
CA PHE A 33 -3.61 -0.14 -12.83
C PHE A 33 -3.68 1.24 -13.48
N VAL A 34 -3.80 2.30 -12.68
CA VAL A 34 -3.76 3.66 -13.22
C VAL A 34 -3.07 4.60 -12.24
N ARG A 35 -2.53 5.69 -12.79
CA ARG A 35 -1.98 6.76 -11.97
C ARG A 35 -2.21 8.10 -12.63
N PHE A 36 -2.21 9.14 -11.81
CA PHE A 36 -2.20 10.54 -12.25
C PHE A 36 -1.39 11.33 -11.23
N ASP A 37 -0.52 12.21 -11.72
CA ASP A 37 0.30 13.05 -10.85
C ASP A 37 0.32 14.48 -11.39
N SER A 38 -0.17 15.44 -10.61
CA SER A 38 -0.25 16.82 -11.08
C SER A 38 1.13 17.47 -11.23
N ASP A 39 2.15 16.85 -10.63
CA ASP A 39 3.52 17.37 -10.75
C ASP A 39 4.24 16.84 -11.99
N ALA A 40 3.62 15.90 -12.71
CA ALA A 40 4.23 15.38 -13.93
C ALA A 40 4.38 16.52 -14.94
N ALA A 41 5.45 16.47 -15.74
CA ALA A 41 5.68 17.49 -16.76
C ALA A 41 4.44 17.73 -17.61
N SER A 42 3.78 16.66 -18.00
CA SER A 42 2.49 16.74 -18.69
C SER A 42 1.49 15.79 -18.04
N PRO A 43 0.77 16.26 -17.02
CA PRO A 43 -0.11 15.37 -16.25
C PRO A 43 -1.16 14.68 -17.11
N ARG A 44 -1.24 13.36 -16.95
CA ARG A 44 -2.20 12.56 -17.68
C ARG A 44 -2.45 11.30 -16.87
N THR A 45 -3.69 10.79 -16.92
CA THR A 45 -3.95 9.46 -16.40
C THR A 45 -3.20 8.46 -17.28
N GLU A 46 -2.40 7.60 -16.63
CA GLU A 46 -1.53 6.67 -17.33
C GLU A 46 -1.79 5.23 -16.91
N PRO A 47 -1.68 4.27 -17.84
CA PRO A 47 -1.85 2.86 -17.50
C PRO A 47 -0.69 2.32 -16.66
N ARG A 48 -0.98 1.42 -15.73
CA ARG A 48 0.06 0.83 -14.91
C ARG A 48 -0.08 -0.70 -14.82
N ALA A 49 -1.01 -1.24 -15.61
CA ALA A 49 -1.18 -2.68 -15.74
C ALA A 49 -1.50 -3.00 -17.20
N PRO A 50 -1.09 -4.18 -17.67
CA PRO A 50 -1.28 -4.47 -19.10
C PRO A 50 -2.74 -4.52 -19.56
N TRP A 51 -3.65 -4.99 -18.69
CA TRP A 51 -5.03 -5.20 -19.11
C TRP A 51 -5.86 -3.93 -19.20
N ILE A 52 -5.33 -2.80 -18.74
CA ILE A 52 -6.06 -1.54 -18.85
C ILE A 52 -5.67 -0.80 -20.13
N GLU A 53 -4.60 -1.23 -20.78
CA GLU A 53 -4.07 -0.51 -21.93
C GLU A 53 -5.05 -0.50 -23.11
N GLN A 54 -5.94 -1.49 -23.15
CA GLN A 54 -6.90 -1.59 -24.23
C GLN A 54 -8.01 -0.56 -24.16
N GLU A 55 -8.10 0.16 -23.05
CA GLU A 55 -9.12 1.19 -22.96
C GLU A 55 -8.84 2.27 -24.00
N GLY A 56 -9.89 2.77 -24.63
CA GLY A 56 -9.74 3.72 -25.73
C GLY A 56 -9.38 5.12 -25.29
N PRO A 57 -9.13 6.01 -26.25
CA PRO A 57 -8.77 7.40 -25.98
C PRO A 57 -9.78 8.14 -25.09
N GLU A 58 -11.07 7.83 -25.23
CA GLU A 58 -12.10 8.47 -24.43
CA GLU A 58 -12.10 8.49 -24.42
C GLU A 58 -11.86 8.22 -22.95
N TYR A 59 -11.47 6.99 -22.62
CA TYR A 59 -11.18 6.61 -21.25
C TYR A 59 -10.10 7.49 -20.65
N TRP A 60 -8.97 7.58 -21.34
CA TRP A 60 -7.81 8.33 -20.85
C TRP A 60 -8.09 9.83 -20.83
N ASP A 61 -8.80 10.32 -21.85
CA ASP A 61 -9.17 11.74 -21.91
C ASP A 61 -10.08 12.12 -20.76
N ARG A 62 -11.12 11.32 -20.54
CA ARG A 62 -12.09 11.61 -19.47
CA ARG A 62 -12.09 11.60 -19.48
C ARG A 62 -11.44 11.53 -18.10
N GLU A 63 -10.69 10.47 -17.86
CA GLU A 63 -10.05 10.30 -16.55
C GLU A 63 -9.03 11.40 -16.27
N THR A 64 -8.34 11.85 -17.32
CA THR A 64 -7.39 12.94 -17.16
C THR A 64 -8.10 14.22 -16.76
N GLN A 65 -9.19 14.55 -17.45
CA GLN A 65 -9.94 15.75 -17.11
C GLN A 65 -10.49 15.67 -15.68
N ILE A 66 -11.00 14.49 -15.33
CA ILE A 66 -11.53 14.26 -13.99
C ILE A 66 -10.44 14.50 -12.92
N SER A 67 -9.24 13.99 -13.14
CA SER A 67 -8.16 14.22 -12.18
C SER A 67 -7.68 15.67 -12.17
N LYS A 68 -7.74 16.33 -13.32
CA LYS A 68 -7.37 17.73 -13.39
C LYS A 68 -8.33 18.58 -12.56
N THR A 69 -9.62 18.32 -12.68
CA THR A 69 -10.60 19.05 -11.89
C THR A 69 -10.49 18.67 -10.42
N ASN A 70 -10.32 17.38 -10.15
CA ASN A 70 -10.12 16.93 -8.77
C ASN A 70 -8.92 17.60 -8.10
N THR A 71 -7.85 17.83 -8.87
CA THR A 71 -6.69 18.56 -8.35
C THR A 71 -7.11 19.88 -7.74
N GLN A 72 -7.96 20.61 -8.47
CA GLN A 72 -8.43 21.92 -8.02
C GLN A 72 -9.33 21.80 -6.80
N THR A 73 -10.22 20.81 -6.80
CA THR A 73 -11.14 20.63 -5.68
C THR A 73 -10.40 20.38 -4.36
N TYR A 74 -9.38 19.54 -4.38
CA TYR A 74 -8.60 19.30 -3.17
C TYR A 74 -7.80 20.52 -2.72
N ARG A 75 -7.37 21.37 -3.65
CA ARG A 75 -6.72 22.61 -3.27
C ARG A 75 -7.71 23.53 -2.55
N GLU A 76 -8.95 23.58 -3.04
CA GLU A 76 -10.02 24.30 -2.35
C GLU A 76 -10.26 23.71 -0.97
N ASP A 77 -10.33 22.38 -0.90
CA ASP A 77 -10.57 21.72 0.39
C ASP A 77 -9.45 22.00 1.40
N LEU A 78 -8.20 22.05 0.95
CA LEU A 78 -7.10 22.37 1.85
C LEU A 78 -7.22 23.78 2.43
N ARG A 79 -7.61 24.73 1.58
CA ARG A 79 -7.88 26.10 2.05
C ARG A 79 -9.03 26.09 3.06
N THR A 80 -10.08 25.32 2.77
CA THR A 80 -11.23 25.24 3.64
C THR A 80 -10.88 24.71 5.03
N LEU A 81 -10.04 23.68 5.10
CA LEU A 81 -9.78 23.07 6.41
C LEU A 81 -8.87 23.96 7.25
N LEU A 82 -8.08 24.81 6.61
CA LEU A 82 -7.35 25.83 7.37
C LEU A 82 -8.34 26.69 8.15
N ARG A 83 -9.46 27.03 7.52
CA ARG A 83 -10.49 27.77 8.22
C ARG A 83 -11.16 26.90 9.29
N TYR A 84 -11.58 25.68 8.94
CA TYR A 84 -12.38 24.88 9.88
C TYR A 84 -11.60 24.54 11.15
N TYR A 85 -10.29 24.42 11.04
CA TYR A 85 -9.47 24.02 12.18
C TYR A 85 -8.65 25.19 12.73
N ASN A 86 -8.93 26.39 12.25
CA ASN A 86 -8.29 27.62 12.74
C ASN A 86 -6.77 27.53 12.66
N GLN A 87 -6.28 27.12 11.48
CA GLN A 87 -4.84 26.93 11.29
C GLN A 87 -4.22 28.02 10.43
N SER A 88 -2.92 28.20 10.61
CA SER A 88 -2.17 29.21 9.86
CA SER A 88 -2.21 29.24 9.86
C SER A 88 -1.89 28.79 8.43
N GLU A 89 -1.40 29.73 7.62
CA GLU A 89 -1.04 29.44 6.24
C GLU A 89 0.37 28.85 6.14
N ALA A 90 1.04 28.72 7.28
CA ALA A 90 2.45 28.37 7.29
C ALA A 90 2.73 26.88 7.08
N GLY A 91 1.83 26.02 7.56
CA GLY A 91 2.11 24.60 7.60
C GLY A 91 1.65 23.79 6.41
N SER A 92 2.33 22.66 6.19
CA SER A 92 1.92 21.67 5.19
C SER A 92 0.83 20.77 5.75
N HIS A 93 -0.21 20.53 4.97
CA HIS A 93 -1.30 19.64 5.39
C HIS A 93 -1.65 18.67 4.28
N THR A 94 -2.38 17.61 4.65
CA THR A 94 -2.66 16.52 3.74
C THR A 94 -4.14 16.16 3.76
N ILE A 95 -4.75 16.01 2.58
CA ILE A 95 -6.07 15.38 2.50
C ILE A 95 -5.93 14.07 1.72
N GLN A 96 -6.58 13.02 2.23
CA GLN A 96 -6.59 11.74 1.57
C GLN A 96 -8.03 11.29 1.37
N ARG A 97 -8.26 10.53 0.31
CA ARG A 97 -9.54 9.88 0.10
C ARG A 97 -9.36 8.43 -0.35
N MET A 98 -10.18 7.54 0.21
CA MET A 98 -10.33 6.17 -0.29
CA MET A 98 -10.31 6.20 -0.35
C MET A 98 -11.75 6.02 -0.83
N SER A 99 -11.89 5.54 -2.06
CA SER A 99 -13.19 5.35 -2.70
C SER A 99 -13.19 4.02 -3.42
N GLY A 100 -14.32 3.31 -3.40
CA GLY A 100 -14.37 2.09 -4.19
C GLY A 100 -15.44 1.12 -3.75
N CYS A 101 -15.39 -0.08 -4.27
CA CYS A 101 -16.39 -1.10 -4.00
C CYS A 101 -15.78 -2.49 -3.88
N ASP A 102 -16.46 -3.35 -3.12
CA ASP A 102 -16.14 -4.77 -3.04
C ASP A 102 -17.25 -5.53 -3.75
N VAL A 103 -16.88 -6.58 -4.47
CA VAL A 103 -17.88 -7.49 -5.04
C VAL A 103 -17.57 -8.94 -4.66
N GLY A 104 -18.61 -9.78 -4.69
CA GLY A 104 -18.44 -11.19 -4.41
C GLY A 104 -18.09 -11.97 -5.65
N PRO A 105 -18.01 -13.30 -5.53
CA PRO A 105 -17.67 -14.21 -6.64
C PRO A 105 -18.60 -14.05 -7.84
N ASP A 106 -19.86 -13.70 -7.58
CA ASP A 106 -20.84 -13.51 -8.64
C ASP A 106 -20.86 -12.07 -9.16
N GLY A 107 -20.00 -11.23 -8.61
CA GLY A 107 -19.89 -9.86 -9.07
C GLY A 107 -20.89 -8.89 -8.46
N ARG A 108 -21.67 -9.37 -7.49
CA ARG A 108 -22.65 -8.50 -6.83
C ARG A 108 -21.98 -7.61 -5.79
N LEU A 109 -22.51 -6.40 -5.63
CA LEU A 109 -21.97 -5.46 -4.65
C LEU A 109 -21.99 -6.02 -3.23
N LEU A 110 -20.83 -6.04 -2.59
CA LEU A 110 -20.74 -6.44 -1.19
C LEU A 110 -20.85 -5.19 -0.31
N ARG A 111 -20.10 -4.15 -0.68
CA ARG A 111 -20.25 -2.84 -0.05
C ARG A 111 -19.42 -1.78 -0.76
N GLY A 112 -19.73 -0.52 -0.45
CA GLY A 112 -19.06 0.61 -1.07
C GLY A 112 -18.36 1.46 -0.03
N TYR A 113 -17.41 2.27 -0.49
CA TYR A 113 -16.64 3.15 0.39
C TYR A 113 -16.49 4.55 -0.20
N ASN A 114 -16.54 5.54 0.67
CA ASN A 114 -16.11 6.89 0.33
C ASN A 114 -15.68 7.60 1.60
N GLN A 115 -14.38 7.67 1.85
CA GLN A 115 -13.94 8.22 3.12
C GLN A 115 -12.70 9.06 2.99
N PHE A 116 -12.61 10.04 3.89
CA PHE A 116 -11.58 11.07 3.82
C PHE A 116 -10.83 11.22 5.13
N ALA A 117 -9.58 11.68 5.02
CA ALA A 117 -8.75 11.99 6.16
C ALA A 117 -8.07 13.35 6.00
N TYR A 118 -7.82 14.02 7.12
CA TYR A 118 -7.02 15.24 7.14
C TYR A 118 -5.86 15.05 8.08
N ASP A 119 -4.65 15.30 7.56
CA ASP A 119 -3.41 15.08 8.30
C ASP A 119 -3.35 13.70 8.97
N GLY A 120 -3.86 12.71 8.24
CA GLY A 120 -3.74 11.31 8.64
C GLY A 120 -4.81 10.83 9.60
N LYS A 121 -5.76 11.70 9.94
CA LYS A 121 -6.84 11.34 10.85
C LYS A 121 -8.18 11.32 10.13
N ASP A 122 -9.06 10.41 10.52
CA ASP A 122 -10.42 10.37 9.99
C ASP A 122 -11.03 11.77 9.97
N TYR A 123 -11.64 12.12 8.83
CA TYR A 123 -12.35 13.39 8.70
C TYR A 123 -13.84 13.12 8.53
N ILE A 124 -14.25 12.58 7.38
CA ILE A 124 -15.64 12.20 7.17
C ILE A 124 -15.71 10.93 6.33
N ALA A 125 -16.69 10.07 6.62
CA ALA A 125 -16.80 8.81 5.91
C ALA A 125 -18.26 8.52 5.60
N LEU A 126 -18.51 8.02 4.40
CA LEU A 126 -19.83 7.48 4.06
C LEU A 126 -20.03 6.17 4.82
N ASN A 127 -21.15 6.06 5.52
CA ASN A 127 -21.46 4.83 6.23
C ASN A 127 -21.80 3.71 5.25
N GLU A 128 -21.78 2.48 5.75
CA GLU A 128 -22.01 1.31 4.90
C GLU A 128 -23.40 1.33 4.24
N ASP A 129 -24.36 2.02 4.85
CA ASP A 129 -25.69 2.17 4.25
C ASP A 129 -25.69 3.02 2.98
N LEU A 130 -24.56 3.67 2.69
CA LEU A 130 -24.42 4.59 1.55
C LEU A 130 -25.47 5.68 1.55
N SER A 131 -25.93 6.07 2.75
CA SER A 131 -26.97 7.08 2.86
C SER A 131 -26.71 8.09 3.97
N SER A 132 -25.82 7.75 4.90
CA SER A 132 -25.51 8.64 6.03
C SER A 132 -24.00 8.76 6.23
N TRP A 133 -23.60 9.77 7.01
CA TRP A 133 -22.19 10.09 7.20
C TRP A 133 -21.73 9.96 8.65
N THR A 134 -20.45 9.59 8.82
CA THR A 134 -19.78 9.70 10.12
C THR A 134 -18.73 10.80 10.05
N ALA A 135 -18.95 11.85 10.82
CA ALA A 135 -18.00 12.97 10.92
C ALA A 135 -17.16 12.79 12.18
N ALA A 136 -15.84 12.96 12.06
CA ALA A 136 -14.94 12.71 13.18
C ALA A 136 -14.96 13.80 14.25
N ASP A 137 -15.36 15.02 13.86
CA ASP A 137 -15.28 16.16 14.76
C ASP A 137 -16.20 17.29 14.30
N THR A 138 -16.17 18.42 15.01
CA THR A 138 -17.12 19.49 14.71
C THR A 138 -16.80 20.23 13.41
N ALA A 139 -15.55 20.13 12.94
CA ALA A 139 -15.21 20.67 11.64
C ALA A 139 -15.84 19.82 10.53
N ALA A 140 -15.63 18.50 10.61
CA ALA A 140 -16.21 17.58 9.64
C ALA A 140 -17.75 17.63 9.65
N GLN A 141 -18.34 17.98 10.79
CA GLN A 141 -19.79 18.16 10.85
C GLN A 141 -20.27 19.31 9.95
N ILE A 142 -19.43 20.31 9.74
CA ILE A 142 -19.77 21.39 8.82
C ILE A 142 -19.89 20.84 7.41
N THR A 143 -18.93 20.00 7.03
CA THR A 143 -18.98 19.31 5.73
C THR A 143 -20.20 18.40 5.66
N GLN A 144 -20.47 17.69 6.76
CA GLN A 144 -21.61 16.79 6.78
C GLN A 144 -22.93 17.54 6.53
N ARG A 145 -23.10 18.68 7.21
CA ARG A 145 -24.31 19.48 7.00
C ARG A 145 -24.40 19.93 5.54
N LYS A 146 -23.27 20.33 4.98
CA LYS A 146 -23.23 20.77 3.60
C LYS A 146 -23.59 19.63 2.66
N TRP A 147 -23.05 18.45 2.93
CA TRP A 147 -23.22 17.32 2.04
C TRP A 147 -24.61 16.70 2.18
N GLU A 148 -25.17 16.75 3.38
CA GLU A 148 -26.56 16.37 3.58
C GLU A 148 -27.51 17.30 2.80
N ALA A 149 -27.28 18.61 2.87
CA ALA A 149 -28.12 19.58 2.16
C ALA A 149 -28.13 19.35 0.66
N ALA A 150 -26.98 18.94 0.12
CA ALA A 150 -26.84 18.73 -1.32
C ALA A 150 -27.14 17.30 -1.74
N ARG A 151 -27.50 16.45 -0.78
CA ARG A 151 -27.77 15.03 -1.01
C ARG A 151 -26.63 14.35 -1.79
N VAL A 152 -25.40 14.58 -1.33
CA VAL A 152 -24.20 13.97 -1.90
C VAL A 152 -24.22 12.45 -1.80
N ALA A 153 -24.70 11.93 -0.67
CA ALA A 153 -24.68 10.49 -0.43
C ALA A 153 -25.46 9.73 -1.50
N GLU A 154 -26.57 10.31 -1.95
CA GLU A 154 -27.38 9.71 -3.00
C GLU A 154 -26.59 9.53 -4.29
N GLN A 155 -25.74 10.52 -4.59
CA GLN A 155 -24.91 10.48 -5.79
CA GLN A 155 -24.93 10.45 -5.80
C GLN A 155 -23.77 9.48 -5.62
N ASP A 156 -23.21 9.42 -4.41
CA ASP A 156 -22.21 8.42 -4.08
C ASP A 156 -22.77 7.01 -4.28
N ARG A 157 -23.96 6.79 -3.73
CA ARG A 157 -24.62 5.50 -3.84
C ARG A 157 -24.78 5.09 -5.30
N ALA A 158 -25.17 6.04 -6.15
CA ALA A 158 -25.36 5.77 -7.58
C ALA A 158 -24.06 5.30 -8.24
N TYR A 159 -22.94 5.95 -7.93
CA TYR A 159 -21.65 5.55 -8.46
C TYR A 159 -21.25 4.18 -7.97
N LEU A 160 -21.42 3.95 -6.67
CA LEU A 160 -20.92 2.75 -6.04
C LEU A 160 -21.72 1.52 -6.48
N GLU A 161 -23.03 1.68 -6.64
CA GLU A 161 -23.89 0.56 -7.07
C GLU A 161 -23.87 0.34 -8.59
N GLY A 162 -23.47 1.35 -9.34
CA GLY A 162 -23.46 1.25 -10.79
C GLY A 162 -22.05 1.21 -11.36
N THR A 163 -21.55 2.39 -11.74
CA THR A 163 -20.23 2.55 -12.34
C THR A 163 -19.13 1.72 -11.69
N CYS A 164 -19.03 1.80 -10.37
CA CYS A 164 -17.94 1.13 -9.65
C CYS A 164 -17.98 -0.38 -9.85
N VAL A 165 -19.14 -1.00 -9.67
CA VAL A 165 -19.27 -2.45 -9.81
CA VAL A 165 -19.20 -2.45 -9.80
C VAL A 165 -19.14 -2.87 -11.27
N GLU A 166 -19.72 -2.06 -12.17
CA GLU A 166 -19.69 -2.37 -13.60
C GLU A 166 -18.26 -2.41 -14.13
N TRP A 167 -17.48 -1.41 -13.77
CA TRP A 167 -16.11 -1.33 -14.27
C TRP A 167 -15.21 -2.35 -13.59
N LEU A 168 -15.43 -2.61 -12.30
CA LEU A 168 -14.69 -3.67 -11.62
C LEU A 168 -14.93 -5.01 -12.32
N ARG A 169 -16.17 -5.31 -12.68
CA ARG A 169 -16.51 -6.53 -13.41
CA ARG A 169 -16.47 -6.56 -13.39
C ARG A 169 -15.75 -6.60 -14.74
N ARG A 170 -15.72 -5.49 -15.45
CA ARG A 170 -15.03 -5.40 -16.74
C ARG A 170 -13.52 -5.62 -16.59
N TYR A 171 -12.91 -4.97 -15.61
CA TYR A 171 -11.47 -5.11 -15.37
C TYR A 171 -11.13 -6.55 -15.01
N LEU A 172 -11.97 -7.16 -14.18
CA LEU A 172 -11.74 -8.54 -13.78
C LEU A 172 -11.78 -9.49 -14.97
N GLU A 173 -12.68 -9.24 -15.91
CA GLU A 173 -12.71 -10.06 -17.13
C GLU A 173 -11.51 -9.79 -18.02
N ASN A 174 -11.21 -8.52 -18.28
CA ASN A 174 -10.09 -8.17 -19.16
C ASN A 174 -8.74 -8.60 -18.59
N GLY A 175 -8.62 -8.60 -17.27
CA GLY A 175 -7.40 -9.03 -16.63
C GLY A 175 -7.49 -10.39 -15.96
N LYS A 176 -8.39 -11.26 -16.43
CA LYS A 176 -8.63 -12.52 -15.73
CA LYS A 176 -8.63 -12.51 -15.73
C LYS A 176 -7.39 -13.40 -15.61
N GLU A 177 -6.46 -13.28 -16.57
CA GLU A 177 -5.21 -14.04 -16.52
C GLU A 177 -4.45 -13.84 -15.21
N THR A 178 -4.46 -12.60 -14.71
CA THR A 178 -3.71 -12.24 -13.51
C THR A 178 -4.59 -11.92 -12.31
N LEU A 179 -5.62 -11.10 -12.53
CA LEU A 179 -6.50 -10.69 -11.44
C LEU A 179 -7.24 -11.87 -10.82
N GLN A 180 -7.47 -12.92 -11.62
CA GLN A 180 -8.21 -14.07 -11.12
C GLN A 180 -7.31 -15.31 -10.98
N ARG A 181 -6.02 -15.06 -10.80
CA ARG A 181 -5.05 -16.10 -10.48
C ARG A 181 -4.44 -15.83 -9.11
N ALA A 182 -4.53 -16.79 -8.21
CA ALA A 182 -3.81 -16.73 -6.95
C ALA A 182 -2.50 -17.51 -7.07
N ASP A 183 -1.39 -16.88 -6.70
CA ASP A 183 -0.10 -17.55 -6.65
C ASP A 183 0.18 -17.94 -5.20
N PRO A 184 0.32 -19.23 -4.93
CA PRO A 184 0.56 -19.64 -3.54
C PRO A 184 1.95 -19.26 -3.09
N PRO A 185 2.14 -19.13 -1.76
CA PRO A 185 3.48 -18.83 -1.24
C PRO A 185 4.43 -20.01 -1.41
N LYS A 186 5.67 -19.70 -1.78
CA LYS A 186 6.76 -20.66 -1.69
C LYS A 186 7.35 -20.50 -0.29
N THR A 187 7.49 -21.60 0.44
CA THR A 187 7.84 -21.51 1.85
C THR A 187 9.10 -22.28 2.24
N HIS A 188 9.79 -21.78 3.25
CA HIS A 188 10.89 -22.52 3.86
C HIS A 188 11.19 -21.94 5.25
N VAL A 189 11.84 -22.75 6.08
CA VAL A 189 12.27 -22.31 7.41
C VAL A 189 13.79 -22.26 7.48
N THR A 190 14.32 -21.13 7.97
CA THR A 190 15.75 -20.99 8.19
C THR A 190 16.04 -21.02 9.69
N HIS A 191 17.29 -21.34 10.02
CA HIS A 191 17.73 -21.51 11.40
C HIS A 191 19.07 -20.80 11.59
N HIS A 192 19.12 -19.92 12.58
CA HIS A 192 20.31 -19.13 12.84
CA HIS A 192 20.31 -19.12 12.83
C HIS A 192 20.60 -19.08 14.34
N PRO A 193 21.72 -19.69 14.76
CA PRO A 193 22.08 -19.62 16.18
C PRO A 193 22.31 -18.17 16.63
N ILE A 194 21.83 -17.83 17.81
CA ILE A 194 22.02 -16.51 18.39
C ILE A 194 23.16 -16.57 19.40
N SER A 195 23.28 -17.74 20.03
CA SER A 195 24.23 -17.97 21.10
C SER A 195 24.23 -19.45 21.41
N ASP A 196 24.95 -19.86 22.44
CA ASP A 196 25.02 -21.27 22.80
C ASP A 196 23.70 -21.85 23.28
N HIS A 197 22.72 -21.01 23.60
CA HIS A 197 21.49 -21.37 24.32
CA HIS A 197 21.52 -21.67 24.07
C HIS A 197 20.22 -21.04 23.53
N GLU A 198 20.35 -20.18 22.53
CA GLU A 198 19.21 -19.71 21.77
C GLU A 198 19.47 -19.74 20.27
N ALA A 199 18.41 -19.94 19.49
CA ALA A 199 18.50 -19.88 18.04
C ALA A 199 17.25 -19.23 17.46
N THR A 200 17.39 -18.62 16.28
CA THR A 200 16.25 -18.05 15.57
C THR A 200 15.67 -19.01 14.54
N LEU A 201 14.37 -19.23 14.59
CA LEU A 201 13.68 -19.90 13.48
C LEU A 201 12.89 -18.86 12.69
N ARG A 202 13.11 -18.79 11.38
CA ARG A 202 12.39 -17.84 10.55
C ARG A 202 11.61 -18.55 9.47
N CYS A 203 10.30 -18.33 9.46
CA CYS A 203 9.43 -18.95 8.49
C CYS A 203 9.14 -17.97 7.36
N TRP A 204 9.45 -18.39 6.13
CA TRP A 204 9.36 -17.53 4.95
C TRP A 204 8.19 -17.88 4.06
N ALA A 205 7.52 -16.84 3.54
CA ALA A 205 6.56 -16.98 2.45
C ALA A 205 6.95 -16.02 1.33
N LEU A 206 7.13 -16.56 0.12
CA LEU A 206 7.60 -15.76 -1.00
C LEU A 206 6.76 -16.00 -2.25
N GLY A 207 6.68 -14.97 -3.09
CA GLY A 207 6.08 -15.13 -4.41
C GLY A 207 4.58 -15.32 -4.45
N PHE A 208 3.87 -14.84 -3.42
CA PHE A 208 2.43 -15.05 -3.38
C PHE A 208 1.62 -13.84 -3.83
N TYR A 209 0.43 -14.11 -4.33
CA TYR A 209 -0.56 -13.10 -4.72
C TYR A 209 -1.94 -13.69 -4.52
N PRO A 210 -2.86 -12.92 -3.91
CA PRO A 210 -2.75 -11.56 -3.41
C PRO A 210 -1.96 -11.46 -2.10
N ALA A 211 -1.91 -10.27 -1.52
CA ALA A 211 -1.04 -10.01 -0.40
C ALA A 211 -1.52 -10.64 0.90
N GLU A 212 -2.83 -10.82 1.05
CA GLU A 212 -3.40 -11.37 2.28
C GLU A 212 -2.84 -12.75 2.58
N ILE A 213 -2.32 -12.93 3.79
CA ILE A 213 -1.69 -14.19 4.16
C ILE A 213 -1.67 -14.30 5.69
N THR A 214 -1.69 -15.52 6.20
CA THR A 214 -1.53 -15.73 7.63
C THR A 214 -0.32 -16.60 7.90
N LEU A 215 0.63 -16.06 8.65
CA LEU A 215 1.87 -16.73 8.98
C LEU A 215 2.01 -16.79 10.49
N THR A 216 2.01 -18.00 11.05
CA THR A 216 2.06 -18.14 12.50
C THR A 216 3.06 -19.20 12.94
N TRP A 217 3.59 -19.05 14.16
CA TRP A 217 4.40 -20.07 14.80
C TRP A 217 3.63 -20.69 15.96
N GLN A 218 3.73 -22.00 16.09
CA GLN A 218 3.22 -22.69 17.27
C GLN A 218 4.35 -23.38 18.01
N ARG A 219 4.25 -23.40 19.34
CA ARG A 219 5.14 -24.17 20.20
C ARG A 219 4.29 -25.23 20.89
N ASP A 220 4.60 -26.50 20.64
CA ASP A 220 3.77 -27.60 21.15
C ASP A 220 2.31 -27.39 20.78
N GLY A 221 2.06 -26.92 19.55
CA GLY A 221 0.72 -26.68 19.07
C GLY A 221 0.01 -25.47 19.63
N GLU A 222 0.72 -24.62 20.38
CA GLU A 222 0.12 -23.42 20.94
C GLU A 222 0.63 -22.15 20.25
N ASP A 223 -0.30 -21.30 19.82
CA ASP A 223 0.04 -20.05 19.14
C ASP A 223 1.04 -19.20 19.91
N GLN A 224 2.05 -18.71 19.20
CA GLN A 224 3.11 -17.90 19.81
C GLN A 224 3.01 -16.44 19.39
N THR A 225 1.79 -15.90 19.36
CA THR A 225 1.55 -14.55 18.89
C THR A 225 2.44 -13.51 19.58
N GLN A 226 2.47 -13.55 20.90
CA GLN A 226 3.23 -12.58 21.70
C GLN A 226 4.72 -12.64 21.45
N ASP A 227 5.25 -13.84 21.20
CA ASP A 227 6.69 -14.04 21.09
C ASP A 227 7.17 -14.19 19.65
N THR A 228 6.34 -13.81 18.70
CA THR A 228 6.69 -13.91 17.28
C THR A 228 7.00 -12.53 16.71
N GLU A 229 8.13 -12.40 16.00
CA GLU A 229 8.42 -11.19 15.25
C GLU A 229 7.86 -11.34 13.84
N LEU A 230 6.88 -10.49 13.50
CA LEU A 230 6.15 -10.60 12.25
C LEU A 230 6.34 -9.34 11.43
N VAL A 231 7.08 -9.42 10.33
CA VAL A 231 7.28 -8.24 9.51
C VAL A 231 6.06 -7.97 8.64
N GLU A 232 5.91 -6.71 8.23
CA GLU A 232 4.82 -6.31 7.37
CA GLU A 232 4.81 -6.30 7.37
C GLU A 232 4.94 -6.97 6.00
N THR A 233 3.82 -7.42 5.47
CA THR A 233 3.81 -7.98 4.13
C THR A 233 4.33 -6.93 3.16
N ARG A 234 5.26 -7.34 2.29
CA ARG A 234 6.01 -6.42 1.46
C ARG A 234 6.01 -6.83 -0.01
N PRO A 235 5.99 -5.86 -0.92
CA PRO A 235 5.98 -6.17 -2.36
C PRO A 235 7.35 -6.58 -2.87
N ALA A 236 7.38 -7.59 -3.72
CA ALA A 236 8.65 -8.02 -4.31
C ALA A 236 9.02 -7.17 -5.53
N GLY A 237 8.01 -6.54 -6.13
CA GLY A 237 8.22 -5.72 -7.32
C GLY A 237 7.84 -6.40 -8.62
N ASP A 238 7.39 -7.65 -8.54
CA ASP A 238 7.00 -8.44 -9.72
C ASP A 238 5.55 -8.88 -9.64
N ARG A 239 4.75 -8.08 -8.93
CA ARG A 239 3.33 -8.29 -8.58
C ARG A 239 3.16 -9.11 -7.29
N THR A 240 4.18 -9.89 -6.92
CA THR A 240 4.03 -10.78 -5.77
C THR A 240 4.47 -10.12 -4.46
N PHE A 241 4.17 -10.81 -3.36
CA PHE A 241 4.46 -10.32 -2.04
C PHE A 241 5.30 -11.31 -1.23
N GLN A 242 5.86 -10.80 -0.13
CA GLN A 242 6.73 -11.58 0.75
C GLN A 242 6.37 -11.32 2.20
N LYS A 243 6.63 -12.29 3.07
CA LYS A 243 6.45 -12.10 4.50
C LYS A 243 7.30 -13.12 5.23
N TRP A 244 7.76 -12.77 6.43
CA TRP A 244 8.33 -13.79 7.31
C TRP A 244 7.93 -13.57 8.76
N ALA A 245 8.07 -14.65 9.54
CA ALA A 245 7.74 -14.67 10.96
C ALA A 245 8.87 -15.40 11.68
N ALA A 246 9.39 -14.81 12.75
CA ALA A 246 10.52 -15.41 13.44
C ALA A 246 10.25 -15.58 14.93
N VAL A 247 10.76 -16.68 15.47
CA VAL A 247 10.72 -16.92 16.92
C VAL A 247 12.12 -17.24 17.42
N VAL A 248 12.38 -16.83 18.67
CA VAL A 248 13.63 -17.19 19.33
C VAL A 248 13.38 -18.41 20.20
N VAL A 249 14.10 -19.49 19.92
CA VAL A 249 13.82 -20.77 20.58
C VAL A 249 15.00 -21.23 21.42
N PRO A 250 14.71 -21.91 22.53
CA PRO A 250 15.76 -22.52 23.34
C PRO A 250 16.50 -23.56 22.51
N SER A 251 17.84 -23.58 22.58
CA SER A 251 18.60 -24.55 21.80
C SER A 251 18.17 -25.96 22.17
N GLY A 252 17.91 -26.78 21.15
CA GLY A 252 17.50 -28.15 21.37
C GLY A 252 16.00 -28.35 21.35
N GLU A 253 15.25 -27.26 21.27
CA GLU A 253 13.79 -27.37 21.27
C GLU A 253 13.18 -26.97 19.92
N GLU A 254 14.01 -26.92 18.88
CA GLU A 254 13.55 -26.49 17.56
C GLU A 254 12.38 -27.30 17.01
N GLN A 255 12.36 -28.61 17.27
CA GLN A 255 11.34 -29.47 16.68
C GLN A 255 9.98 -29.36 17.38
N ARG A 256 9.93 -28.57 18.45
CA ARG A 256 8.66 -28.32 19.12
C ARG A 256 7.94 -27.15 18.47
N TYR A 257 8.57 -26.56 17.45
CA TYR A 257 8.01 -25.41 16.77
C TYR A 257 7.54 -25.75 15.37
N THR A 258 6.35 -25.27 15.02
CA THR A 258 5.79 -25.50 13.70
C THR A 258 5.29 -24.19 13.13
N CYS A 259 5.55 -23.97 11.85
CA CYS A 259 5.06 -22.79 11.18
C CYS A 259 3.80 -23.14 10.39
N HIS A 260 2.80 -22.28 10.48
CA HIS A 260 1.55 -22.51 9.80
C HIS A 260 1.25 -21.40 8.81
N VAL A 261 0.88 -21.79 7.59
CA VAL A 261 0.68 -20.85 6.51
C VAL A 261 -0.69 -21.02 5.88
N GLN A 262 -1.45 -19.93 5.82
CA GLN A 262 -2.72 -19.92 5.11
C GLN A 262 -2.69 -18.87 3.99
N HIS A 263 -3.17 -19.26 2.82
CA HIS A 263 -3.23 -18.36 1.70
C HIS A 263 -4.30 -18.85 0.73
N GLU A 264 -4.95 -17.91 0.03
CA GLU A 264 -6.02 -18.24 -0.91
C GLU A 264 -5.58 -19.26 -1.95
N GLY A 265 -4.31 -19.20 -2.35
CA GLY A 265 -3.78 -20.10 -3.35
C GLY A 265 -3.46 -21.50 -2.84
N LEU A 266 -3.56 -21.70 -1.54
CA LEU A 266 -3.30 -23.02 -0.95
C LEU A 266 -4.61 -23.76 -0.70
N PRO A 267 -4.76 -24.96 -1.31
CA PRO A 267 -5.91 -25.83 -1.11
C PRO A 267 -6.17 -26.10 0.37
N LYS A 268 -5.09 -26.39 1.09
CA LYS A 268 -5.15 -26.62 2.52
C LYS A 268 -4.00 -25.88 3.20
N PRO A 269 -4.20 -25.44 4.46
CA PRO A 269 -3.14 -24.75 5.19
C PRO A 269 -1.86 -25.59 5.28
N LEU A 270 -0.71 -24.95 5.20
CA LEU A 270 0.56 -25.66 5.27
C LEU A 270 1.10 -25.68 6.69
N THR A 271 1.69 -26.80 7.08
CA THR A 271 2.45 -26.88 8.31
C THR A 271 3.87 -27.24 7.91
N LEU A 272 4.84 -26.53 8.47
CA LEU A 272 6.24 -26.80 8.15
C LEU A 272 7.13 -26.67 9.38
N ARG A 273 8.32 -27.26 9.32
CA ARG A 273 9.26 -27.21 10.42
C ARG A 273 10.66 -26.97 9.93
N TRP A 274 11.54 -26.68 10.89
CA TRP A 274 12.96 -26.61 10.63
C TRP A 274 13.46 -27.99 10.19
N GLU A 275 14.12 -28.04 9.04
CA GLU A 275 14.58 -29.32 8.48
C GLU A 275 16.07 -29.31 8.16
N PRO A 276 16.90 -29.75 9.11
CA PRO A 276 18.35 -29.82 8.92
C PRO A 276 18.77 -31.08 8.17
N ILE B 2 0.59 15.56 15.04
CA ILE B 2 1.29 14.32 15.35
C ILE B 2 1.59 13.53 14.08
N GLN B 3 2.65 12.74 14.11
CA GLN B 3 3.19 12.12 12.90
C GLN B 3 3.57 10.65 13.14
N ARG B 4 3.83 9.92 12.07
CA ARG B 4 4.16 8.50 12.18
C ARG B 4 5.46 8.19 11.45
N THR B 5 6.37 7.51 12.15
CA THR B 5 7.70 7.23 11.60
C THR B 5 7.68 5.99 10.70
N PRO B 6 8.50 5.99 9.63
CA PRO B 6 8.45 4.86 8.71
C PRO B 6 9.03 3.55 9.27
N LYS B 7 8.35 2.44 9.02
CA LYS B 7 8.98 1.14 9.13
C LYS B 7 9.81 0.95 7.87
N ILE B 8 10.92 0.25 7.98
CA ILE B 8 11.86 0.13 6.88
C ILE B 8 12.28 -1.32 6.68
N GLN B 9 12.12 -1.84 5.47
CA GLN B 9 12.63 -3.16 5.12
C GLN B 9 13.51 -3.11 3.88
N VAL B 10 14.68 -3.74 3.96
CA VAL B 10 15.62 -3.86 2.85
C VAL B 10 15.77 -5.32 2.46
N TYR B 11 15.59 -5.62 1.18
CA TYR B 11 15.51 -7.02 0.77
C TYR B 11 15.62 -7.17 -0.75
N SER B 12 15.73 -8.41 -1.20
CA SER B 12 15.82 -8.68 -2.63
C SER B 12 14.53 -9.26 -3.18
N ARG B 13 14.27 -9.02 -4.46
CA ARG B 13 13.06 -9.52 -5.11
C ARG B 13 13.07 -11.04 -5.11
N HIS B 14 14.20 -11.61 -5.52
CA HIS B 14 14.44 -13.05 -5.53
C HIS B 14 15.46 -13.40 -4.46
N PRO B 15 15.47 -14.67 -4.02
CA PRO B 15 16.52 -15.10 -3.07
C PRO B 15 17.92 -14.76 -3.59
N ALA B 16 18.76 -14.22 -2.72
CA ALA B 16 20.08 -13.74 -3.12
C ALA B 16 20.96 -14.88 -3.59
N GLU B 17 21.61 -14.67 -4.72
CA GLU B 17 22.42 -15.71 -5.35
C GLU B 17 23.61 -15.05 -6.00
N ASN B 18 24.78 -15.20 -5.38
CA ASN B 18 25.97 -14.45 -5.77
C ASN B 18 26.32 -14.56 -7.25
N GLY B 19 26.45 -13.42 -7.91
CA GLY B 19 26.81 -13.36 -9.31
C GLY B 19 25.59 -13.38 -10.22
N LYS B 20 24.41 -13.35 -9.62
CA LYS B 20 23.16 -13.47 -10.38
C LYS B 20 22.26 -12.24 -10.20
N SER B 21 21.74 -11.75 -11.33
CA SER B 21 21.00 -10.49 -11.39
C SER B 21 19.72 -10.56 -10.57
N ASN B 22 19.43 -9.47 -9.86
CA ASN B 22 18.32 -9.42 -8.91
C ASN B 22 17.80 -8.00 -8.83
N PHE B 23 16.84 -7.76 -7.93
CA PHE B 23 16.44 -6.39 -7.62
C PHE B 23 16.61 -6.14 -6.12
N LEU B 24 17.20 -5.00 -5.79
CA LEU B 24 17.34 -4.56 -4.42
C LEU B 24 16.18 -3.64 -4.07
N ASN B 25 15.43 -4.02 -3.04
CA ASN B 25 14.23 -3.30 -2.63
C ASN B 25 14.40 -2.59 -1.29
N CYS B 26 13.86 -1.38 -1.19
CA CYS B 26 13.64 -0.76 0.11
C CYS B 26 12.18 -0.40 0.20
N TYR B 27 11.47 -1.03 1.13
CA TYR B 27 10.05 -0.78 1.35
C TYR B 27 9.88 0.06 2.61
N VAL B 28 9.33 1.26 2.45
CA VAL B 28 9.00 2.09 3.61
C VAL B 28 7.48 2.17 3.76
N SER B 29 7.00 2.03 4.98
CA SER B 29 5.56 1.96 5.20
C SER B 29 5.17 2.52 6.56
N GLY B 30 3.88 2.74 6.75
CA GLY B 30 3.38 3.18 8.03
C GLY B 30 3.73 4.61 8.42
N PHE B 31 4.14 5.42 7.45
CA PHE B 31 4.55 6.78 7.79
C PHE B 31 3.52 7.84 7.40
N HIS B 32 3.65 8.99 8.07
CA HIS B 32 2.82 10.16 7.84
C HIS B 32 3.56 11.34 8.45
N PRO B 33 3.74 12.45 7.70
CA PRO B 33 3.24 12.70 6.36
C PRO B 33 4.01 11.98 5.26
N SER B 34 3.60 12.21 4.02
CA SER B 34 4.06 11.42 2.88
C SER B 34 5.46 11.76 2.38
N ASP B 35 5.94 12.97 2.66
CA ASP B 35 7.29 13.34 2.21
C ASP B 35 8.33 12.47 2.90
N ILE B 36 9.21 11.91 2.11
CA ILE B 36 10.21 10.98 2.63
C ILE B 36 11.38 10.89 1.66
N GLU B 37 12.57 10.69 2.20
CA GLU B 37 13.77 10.63 1.39
C GLU B 37 14.39 9.25 1.53
N VAL B 38 14.54 8.55 0.41
CA VAL B 38 15.08 7.19 0.43
C VAL B 38 16.23 7.02 -0.56
N ASP B 39 17.38 6.61 -0.05
CA ASP B 39 18.52 6.24 -0.90
C ASP B 39 18.83 4.75 -0.76
N LEU B 40 19.25 4.14 -1.85
CA LEU B 40 19.85 2.80 -1.79
C LEU B 40 21.35 2.98 -1.87
N LEU B 41 22.08 2.25 -1.04
CA LEU B 41 23.53 2.40 -0.97
C LEU B 41 24.26 1.15 -1.39
N LYS B 42 25.36 1.32 -2.12
CA LYS B 42 26.26 0.23 -2.44
C LYS B 42 27.64 0.58 -1.88
N ASN B 43 28.09 -0.22 -0.91
CA ASN B 43 29.34 0.06 -0.20
C ASN B 43 29.41 1.51 0.27
N GLY B 44 28.32 1.98 0.88
CA GLY B 44 28.27 3.31 1.45
C GLY B 44 27.90 4.43 0.50
N GLU B 45 27.96 4.16 -0.80
CA GLU B 45 27.70 5.19 -1.82
C GLU B 45 26.29 5.10 -2.39
N ARG B 46 25.72 6.25 -2.75
CA ARG B 46 24.37 6.26 -3.30
C ARG B 46 24.30 5.65 -4.70
N ILE B 47 23.35 4.76 -4.89
CA ILE B 47 23.05 4.20 -6.20
C ILE B 47 22.21 5.20 -7.00
N GLU B 48 22.62 5.49 -8.24
CA GLU B 48 21.91 6.46 -9.07
C GLU B 48 20.71 5.85 -9.80
N LYS B 49 19.75 6.71 -10.13
CA LYS B 49 18.59 6.33 -10.95
C LYS B 49 17.71 5.23 -10.34
N VAL B 50 17.63 5.19 -9.02
CA VAL B 50 16.71 4.28 -8.33
C VAL B 50 15.27 4.67 -8.66
N GLU B 51 14.40 3.69 -8.89
CA GLU B 51 13.00 3.97 -9.17
C GLU B 51 12.13 3.73 -7.94
N HIS B 52 10.92 4.25 -7.96
CA HIS B 52 10.00 4.01 -6.86
C HIS B 52 8.55 3.88 -7.33
N SER B 53 7.73 3.26 -6.50
CA SER B 53 6.31 3.10 -6.79
C SER B 53 5.54 4.41 -6.62
N ASP B 54 4.34 4.47 -7.19
CA ASP B 54 3.48 5.63 -7.02
C ASP B 54 2.93 5.68 -5.60
N LEU B 55 2.84 6.90 -5.04
CA LEU B 55 2.39 7.08 -3.66
C LEU B 55 1.00 6.51 -3.43
N SER B 56 0.89 5.67 -2.41
CA SER B 56 -0.39 5.12 -2.00
C SER B 56 -0.39 4.95 -0.50
N PHE B 57 -1.49 4.47 0.04
CA PHE B 57 -1.59 4.33 1.49
C PHE B 57 -2.50 3.20 1.91
N SER B 58 -2.40 2.87 3.21
CA SER B 58 -3.11 1.74 3.80
C SER B 58 -4.44 2.17 4.43
N LYS B 59 -5.16 1.22 5.00
CA LYS B 59 -6.46 1.52 5.59
C LYS B 59 -6.37 2.51 6.75
N ASP B 60 -5.23 2.57 7.42
CA ASP B 60 -5.06 3.50 8.53
C ASP B 60 -4.51 4.86 8.09
N TRP B 61 -4.51 5.08 6.77
CA TRP B 61 -4.08 6.33 6.11
C TRP B 61 -2.56 6.50 6.05
N SER B 62 -1.80 5.57 6.60
CA SER B 62 -0.35 5.70 6.57
C SER B 62 0.18 5.31 5.20
N PHE B 63 1.22 5.99 4.75
CA PHE B 63 1.72 5.82 3.39
C PHE B 63 2.71 4.68 3.24
N TYR B 64 2.89 4.23 2.01
CA TYR B 64 3.96 3.28 1.72
C TYR B 64 4.54 3.51 0.32
N LEU B 65 5.82 3.20 0.18
CA LEU B 65 6.55 3.34 -1.08
C LEU B 65 7.54 2.20 -1.23
N LEU B 66 7.71 1.71 -2.45
CA LEU B 66 8.78 0.77 -2.73
C LEU B 66 9.83 1.44 -3.61
N TYR B 67 11.07 1.47 -3.12
CA TYR B 67 12.21 1.92 -3.91
C TYR B 67 12.98 0.70 -4.38
N TYR B 68 13.43 0.69 -5.62
CA TYR B 68 14.07 -0.51 -6.14
C TYR B 68 15.07 -0.22 -7.25
N THR B 69 16.06 -1.09 -7.37
CA THR B 69 17.05 -0.98 -8.41
C THR B 69 17.62 -2.35 -8.76
N GLU B 70 18.04 -2.51 -10.01
CA GLU B 70 18.68 -3.75 -10.44
CA GLU B 70 18.68 -3.75 -10.43
C GLU B 70 20.05 -3.87 -9.78
N PHE B 71 20.42 -5.08 -9.38
CA PHE B 71 21.74 -5.27 -8.77
C PHE B 71 22.15 -6.73 -8.86
N THR B 72 23.46 -6.95 -8.87
CA THR B 72 24.01 -8.29 -8.88
C THR B 72 24.82 -8.49 -7.61
N PRO B 73 24.24 -9.18 -6.62
CA PRO B 73 24.91 -9.35 -5.33
C PRO B 73 26.21 -10.13 -5.44
N THR B 74 27.16 -9.77 -4.60
CA THR B 74 28.41 -10.52 -4.45
C THR B 74 28.61 -10.73 -2.97
N GLU B 75 29.66 -11.47 -2.60
CA GLU B 75 29.90 -11.73 -1.18
C GLU B 75 30.54 -10.51 -0.52
N LYS B 76 31.28 -9.73 -1.29
CA LYS B 76 32.03 -8.60 -0.74
C LYS B 76 31.23 -7.30 -0.69
N ASP B 77 30.32 -7.11 -1.64
CA ASP B 77 29.56 -5.87 -1.73
C ASP B 77 28.50 -5.77 -0.64
N GLU B 78 28.49 -4.65 0.07
CA GLU B 78 27.49 -4.41 1.10
C GLU B 78 26.45 -3.43 0.60
N TYR B 79 25.19 -3.74 0.88
CA TYR B 79 24.08 -2.88 0.47
C TYR B 79 23.28 -2.42 1.65
N ALA B 80 22.65 -1.26 1.50
CA ALA B 80 21.83 -0.70 2.56
C ALA B 80 20.82 0.28 2.00
N CYS B 81 19.91 0.71 2.88
CA CYS B 81 18.92 1.74 2.57
CA CYS B 81 19.00 1.77 2.53
C CYS B 81 19.11 2.87 3.57
N ARG B 82 19.02 4.11 3.11
CA ARG B 82 19.13 5.25 3.99
C ARG B 82 17.86 6.08 3.89
N VAL B 83 17.21 6.28 5.02
CA VAL B 83 15.89 6.91 5.06
C VAL B 83 15.87 8.15 5.95
N ASN B 84 15.34 9.24 5.41
CA ASN B 84 15.07 10.41 6.23
C ASN B 84 13.61 10.80 6.15
N HIS B 85 13.09 11.31 7.26
CA HIS B 85 11.68 11.65 7.40
C HIS B 85 11.61 12.70 8.49
N VAL B 86 10.51 13.44 8.57
CA VAL B 86 10.41 14.51 9.54
C VAL B 86 10.45 13.96 10.97
N THR B 87 9.99 12.73 11.16
CA THR B 87 10.00 12.08 12.47
C THR B 87 11.40 11.65 12.90
N LEU B 88 12.36 11.76 11.99
CA LEU B 88 13.73 11.32 12.27
C LEU B 88 14.69 12.51 12.40
N SER B 89 15.38 12.60 13.53
CA SER B 89 16.35 13.66 13.76
C SER B 89 17.55 13.44 12.85
N GLN B 90 17.83 12.18 12.59
CA GLN B 90 19.00 11.77 11.83
C GLN B 90 18.60 10.64 10.88
N PRO B 91 19.20 10.61 9.68
CA PRO B 91 18.92 9.55 8.71
C PRO B 91 19.11 8.17 9.31
N LYS B 92 18.21 7.25 8.99
CA LYS B 92 18.31 5.89 9.51
C LYS B 92 18.84 4.97 8.43
N ILE B 93 19.86 4.20 8.77
CA ILE B 93 20.44 3.27 7.80
C ILE B 93 20.13 1.84 8.19
N VAL B 94 19.50 1.11 7.28
CA VAL B 94 19.24 -0.31 7.48
C VAL B 94 20.04 -1.11 6.46
N LYS B 95 20.86 -2.02 6.96
CA LYS B 95 21.74 -2.79 6.09
C LYS B 95 20.99 -3.99 5.50
N TRP B 96 21.32 -4.33 4.25
CA TRP B 96 20.74 -5.51 3.63
C TRP B 96 21.32 -6.79 4.22
N ASP B 97 20.42 -7.69 4.58
CA ASP B 97 20.75 -8.97 5.18
C ASP B 97 20.00 -10.03 4.40
N ARG B 98 20.73 -10.97 3.82
CA ARG B 98 20.16 -11.94 2.87
C ARG B 98 18.99 -12.77 3.40
N ASP B 99 18.91 -12.99 4.71
CA ASP B 99 17.79 -13.73 5.29
CA ASP B 99 17.77 -13.71 5.26
C ASP B 99 16.93 -12.82 6.17
N MET B 100 16.59 -11.65 5.65
CA MET B 100 15.63 -10.75 6.31
C MET B 100 14.87 -9.96 5.26
N PHE C 1 -12.98 2.75 -13.23
CA PHE C 1 -13.28 4.13 -13.60
C PHE C 1 -13.71 4.95 -12.37
N GLU C 2 -13.11 6.12 -12.21
CA GLU C 2 -13.47 7.05 -11.15
C GLU C 2 -14.10 8.33 -11.71
N ASP C 3 -15.07 8.88 -10.97
CA ASP C 3 -15.76 10.10 -11.36
C ASP C 3 -15.21 11.36 -10.68
N LEU C 4 -15.74 12.51 -11.05
CA LEU C 4 -15.44 13.76 -10.37
C LEU C 4 -15.79 13.68 -8.89
N ARG C 5 -15.05 14.42 -8.06
CA ARG C 5 -15.51 14.70 -6.70
C ARG C 5 -16.87 15.37 -6.82
N LEU C 6 -17.79 15.00 -5.95
CA LEU C 6 -19.16 15.49 -6.04
C LEU C 6 -19.34 16.90 -5.49
N LEU C 7 -18.60 17.23 -4.44
CA LEU C 7 -18.77 18.51 -3.77
C LEU C 7 -17.59 18.79 -2.83
N SER C 8 -17.13 20.02 -2.78
CA SER C 8 -16.04 20.38 -1.87
C SER C 8 -16.48 20.32 -0.41
N PHE C 9 -15.49 20.23 0.49
CA PHE C 9 -15.67 20.21 1.94
C PHE C 9 -16.39 21.46 2.45
#